data_1VC9
#
_entry.id   1VC9
#
_cell.length_a   47.900
_cell.length_b   55.121
_cell.length_c   113.869
_cell.angle_alpha   90.00
_cell.angle_beta   90.00
_cell.angle_gamma   90.00
#
_symmetry.space_group_name_H-M   'P 21 21 21'
#
loop_
_entity.id
_entity.type
_entity.pdbx_description
1 polymer Ndx1
2 non-polymer 'MAGNESIUM ION'
3 non-polymer "ADENOSINE-5'-TRIPHOSPHATE"
4 water water
#
_entity_poly.entity_id   1
_entity_poly.type   'polypeptide(L)'
_entity_poly.pdbx_seq_one_letter_code
;MELGAGGVVFNAKREVLLLRDRMGFWVFPKGHPEPGESLEEAAVREVWEQTGVRAEVLLPLYPTRYVNPKGVEREVHWFL
MRGEGAPRLEEGMTGAGWFSPEEARALLAFPEDLGLLEVALERLPL
;
_entity_poly.pdbx_strand_id   A,B
#
# COMPACT_ATOMS: atom_id res chain seq x y z
N MET A 1 -18.73 9.29 -23.09
CA MET A 1 -17.31 9.15 -22.63
C MET A 1 -16.89 10.34 -21.78
N GLU A 2 -16.20 10.06 -20.68
CA GLU A 2 -15.71 11.10 -19.79
C GLU A 2 -14.19 11.04 -19.67
N LEU A 3 -13.54 12.15 -20.00
CA LEU A 3 -12.09 12.26 -19.94
C LEU A 3 -11.53 12.10 -18.54
N GLY A 4 -10.27 11.70 -18.48
CA GLY A 4 -9.58 11.53 -17.21
C GLY A 4 -8.14 11.90 -17.47
N ALA A 5 -7.40 12.23 -16.42
CA ALA A 5 -6.01 12.60 -16.56
C ALA A 5 -5.27 12.10 -15.34
N GLY A 6 -4.20 11.35 -15.56
CA GLY A 6 -3.47 10.83 -14.43
C GLY A 6 -1.97 10.76 -14.67
N GLY A 7 -1.27 10.29 -13.65
CA GLY A 7 0.17 10.19 -13.77
C GLY A 7 0.75 8.85 -13.34
N VAL A 8 1.82 8.45 -14.02
CA VAL A 8 2.55 7.26 -13.70
C VAL A 8 3.77 7.95 -13.09
N VAL A 9 3.81 7.96 -11.77
CA VAL A 9 4.84 8.67 -11.02
C VAL A 9 5.94 7.78 -10.46
N PHE A 10 7.17 8.24 -10.58
CA PHE A 10 8.34 7.50 -10.10
C PHE A 10 9.22 8.33 -9.18
N ASN A 11 9.77 7.70 -8.15
CA ASN A 11 10.67 8.38 -7.22
C ASN A 11 12.09 7.95 -7.56
N ALA A 12 13.07 8.51 -6.86
CA ALA A 12 14.48 8.20 -7.09
C ALA A 12 14.79 6.70 -7.15
N LYS A 13 14.13 5.89 -6.32
CA LYS A 13 14.39 4.45 -6.34
C LYS A 13 13.72 3.77 -7.53
N ARG A 14 13.11 4.57 -8.39
CA ARG A 14 12.39 4.07 -9.55
C ARG A 14 11.20 3.21 -9.13
N GLU A 15 10.55 3.62 -8.05
CA GLU A 15 9.36 2.93 -7.56
C GLU A 15 8.18 3.73 -8.12
N VAL A 16 7.07 3.05 -8.39
CA VAL A 16 5.89 3.73 -8.95
C VAL A 16 4.78 3.93 -7.92
N LEU A 17 4.15 5.10 -7.97
CA LEU A 17 3.09 5.46 -7.05
C LEU A 17 1.74 4.81 -7.41
N LEU A 18 1.25 3.92 -6.55
CA LEU A 18 -0.02 3.25 -6.79
C LEU A 18 -1.03 3.50 -5.66
N LEU A 19 -2.32 3.43 -6.00
CA LEU A 19 -3.38 3.63 -5.01
C LEU A 19 -4.39 2.51 -5.11
N ARG A 20 -5.10 2.24 -4.02
CA ARG A 20 -6.13 1.20 -4.02
C ARG A 20 -7.47 1.92 -3.97
N ASP A 21 -8.30 1.78 -5.00
CA ASP A 21 -9.58 2.47 -5.02
C ASP A 21 -10.66 1.81 -4.17
N ARG A 22 -11.85 2.39 -4.23
CA ARG A 22 -13.01 1.90 -3.49
C ARG A 22 -13.29 0.43 -3.71
N MET A 23 -13.24 0.01 -4.96
CA MET A 23 -13.54 -1.38 -5.29
C MET A 23 -12.40 -2.36 -5.09
N GLY A 24 -11.32 -1.92 -4.44
CA GLY A 24 -10.21 -2.80 -4.17
C GLY A 24 -9.19 -3.01 -5.28
N PHE A 25 -9.19 -2.15 -6.29
CA PHE A 25 -8.22 -2.29 -7.37
C PHE A 25 -7.04 -1.32 -7.25
N TRP A 26 -5.83 -1.84 -7.43
CA TRP A 26 -4.66 -0.99 -7.38
C TRP A 26 -4.50 -0.35 -8.76
N VAL A 27 -4.45 0.98 -8.78
CA VAL A 27 -4.34 1.74 -10.02
C VAL A 27 -3.42 2.95 -9.85
N PHE A 28 -3.22 3.69 -10.93
CA PHE A 28 -2.38 4.89 -10.90
C PHE A 28 -3.33 6.02 -10.51
N PRO A 29 -2.80 7.08 -9.89
CA PRO A 29 -3.74 8.16 -9.53
C PRO A 29 -4.18 8.97 -10.75
N LYS A 30 -5.47 9.28 -10.82
CA LYS A 30 -6.04 10.07 -11.92
C LYS A 30 -7.41 10.59 -11.54
N GLY A 31 -7.89 11.61 -12.26
CA GLY A 31 -9.20 12.17 -11.98
C GLY A 31 -9.77 12.97 -13.14
N HIS A 32 -10.93 13.61 -12.91
CA HIS A 32 -11.54 14.41 -13.96
C HIS A 32 -10.89 15.78 -14.11
N PRO A 33 -10.71 16.23 -15.36
CA PRO A 33 -10.10 17.54 -15.63
C PRO A 33 -11.10 18.61 -15.18
N GLU A 34 -10.62 19.79 -14.79
CA GLU A 34 -11.55 20.85 -14.42
C GLU A 34 -11.75 21.72 -15.66
N PRO A 35 -12.86 22.49 -15.72
CA PRO A 35 -13.11 23.35 -16.89
C PRO A 35 -11.93 24.26 -17.17
N GLY A 36 -11.50 24.31 -18.43
CA GLY A 36 -10.38 25.17 -18.80
C GLY A 36 -9.00 24.66 -18.42
N GLU A 37 -8.97 23.48 -17.82
CA GLU A 37 -7.71 22.89 -17.38
C GLU A 37 -7.14 21.95 -18.46
N SER A 38 -5.84 22.01 -18.72
CA SER A 38 -5.24 21.08 -19.71
C SER A 38 -5.16 19.74 -19.00
N LEU A 39 -5.01 18.67 -19.78
CA LEU A 39 -4.91 17.35 -19.21
C LEU A 39 -3.69 17.16 -18.32
N GLU A 40 -2.58 17.76 -18.73
CA GLU A 40 -1.33 17.65 -17.97
C GLU A 40 -1.47 18.31 -16.62
N GLU A 41 -2.05 19.52 -16.63
CA GLU A 41 -2.27 20.29 -15.42
C GLU A 41 -3.26 19.53 -14.54
N ALA A 42 -4.30 18.95 -15.16
CA ALA A 42 -5.30 18.20 -14.43
C ALA A 42 -4.63 17.01 -13.75
N ALA A 43 -3.76 16.33 -14.49
CA ALA A 43 -3.05 15.17 -13.99
C ALA A 43 -2.20 15.51 -12.76
N VAL A 44 -1.47 16.61 -12.83
CA VAL A 44 -0.62 17.02 -11.73
C VAL A 44 -1.48 17.37 -10.51
N ARG A 45 -2.60 18.02 -10.74
CA ARG A 45 -3.50 18.37 -9.64
C ARG A 45 -4.06 17.11 -8.98
N GLU A 46 -4.55 16.17 -9.79
CA GLU A 46 -5.11 14.94 -9.25
C GLU A 46 -4.09 14.15 -8.43
N VAL A 47 -2.84 14.09 -8.88
CA VAL A 47 -1.81 13.37 -8.14
C VAL A 47 -1.62 14.04 -6.76
N TRP A 48 -1.43 15.35 -6.76
CA TRP A 48 -1.22 16.08 -5.50
C TRP A 48 -2.43 15.95 -4.56
N GLU A 49 -3.63 16.09 -5.09
CA GLU A 49 -4.84 15.99 -4.29
C GLU A 49 -5.01 14.63 -3.63
N GLN A 50 -4.79 13.57 -4.39
CA GLN A 50 -4.98 12.22 -3.87
C GLN A 50 -3.81 11.58 -3.14
N THR A 51 -2.63 12.21 -3.17
CA THR A 51 -1.48 11.62 -2.50
C THR A 51 -0.56 12.65 -1.84
N GLY A 52 -0.81 13.94 -2.09
CA GLY A 52 0.01 14.98 -1.50
C GLY A 52 1.40 15.06 -2.10
N VAL A 53 1.63 14.35 -3.20
CA VAL A 53 2.93 14.36 -3.84
C VAL A 53 2.99 15.45 -4.92
N ARG A 54 4.05 16.26 -4.89
CA ARG A 54 4.26 17.31 -5.87
C ARG A 54 5.13 16.66 -6.94
N ALA A 55 4.59 16.49 -8.14
CA ALA A 55 5.35 15.84 -9.20
C ALA A 55 5.58 16.67 -10.43
N GLU A 56 6.67 16.36 -11.14
CA GLU A 56 7.03 17.04 -12.37
C GLU A 56 6.75 16.13 -13.56
N VAL A 57 6.06 16.66 -14.56
CA VAL A 57 5.77 15.90 -15.77
C VAL A 57 7.04 15.86 -16.61
N LEU A 58 7.45 14.67 -17.03
CA LEU A 58 8.65 14.52 -17.83
C LEU A 58 8.27 14.48 -19.30
N LEU A 59 7.15 13.83 -19.58
CA LEU A 59 6.70 13.70 -20.95
C LEU A 59 5.36 12.98 -20.98
N PRO A 60 4.60 13.14 -22.07
CA PRO A 60 3.29 12.48 -22.19
C PRO A 60 3.43 11.00 -22.52
N LEU A 61 2.43 10.22 -22.16
CA LEU A 61 2.45 8.80 -22.48
C LEU A 61 1.31 8.62 -23.49
N TYR A 62 0.35 7.76 -23.19
CA TYR A 62 -0.78 7.57 -24.10
C TYR A 62 -2.05 7.31 -23.32
N PRO A 63 -3.22 7.52 -23.94
CA PRO A 63 -4.48 7.28 -23.22
C PRO A 63 -4.96 5.83 -23.20
N THR A 64 -5.64 5.48 -22.10
CA THR A 64 -6.21 4.14 -21.97
C THR A 64 -7.72 4.31 -21.91
N ARG A 65 -8.44 3.30 -22.36
CA ARG A 65 -9.90 3.36 -22.36
C ARG A 65 -10.52 2.13 -21.72
N TYR A 66 -11.71 2.33 -21.16
CA TYR A 66 -12.44 1.25 -20.51
C TYR A 66 -13.78 1.79 -20.04
N VAL A 67 -14.71 0.89 -19.78
CA VAL A 67 -16.03 1.27 -19.29
C VAL A 67 -16.02 0.91 -17.82
N ASN A 68 -16.31 1.88 -16.94
CA ASN A 68 -16.32 1.59 -15.51
C ASN A 68 -17.60 0.84 -15.12
N PRO A 69 -17.68 0.31 -13.88
CA PRO A 69 -18.85 -0.44 -13.41
C PRO A 69 -20.19 0.30 -13.47
N LYS A 70 -20.13 1.62 -13.69
CA LYS A 70 -21.35 2.42 -13.77
C LYS A 70 -21.81 2.63 -15.20
N GLY A 71 -21.20 1.92 -16.14
CA GLY A 71 -21.59 2.05 -17.53
C GLY A 71 -21.04 3.30 -18.20
N VAL A 72 -20.07 3.96 -17.56
CA VAL A 72 -19.50 5.15 -18.16
C VAL A 72 -18.15 4.81 -18.79
N GLU A 73 -17.99 5.14 -20.06
CA GLU A 73 -16.74 4.88 -20.75
C GLU A 73 -15.78 6.01 -20.42
N ARG A 74 -14.57 5.66 -20.00
CA ARG A 74 -13.56 6.65 -19.64
C ARG A 74 -12.36 6.60 -20.60
N GLU A 75 -11.83 7.77 -20.93
CA GLU A 75 -10.63 7.86 -21.76
C GLU A 75 -9.65 8.60 -20.84
N VAL A 76 -8.67 7.90 -20.33
CA VAL A 76 -7.72 8.53 -19.41
C VAL A 76 -6.37 8.79 -20.06
N HIS A 77 -5.99 10.06 -20.06
CA HIS A 77 -4.72 10.47 -20.64
C HIS A 77 -3.63 10.47 -19.57
N TRP A 78 -2.54 9.78 -19.87
CA TRP A 78 -1.45 9.64 -18.91
C TRP A 78 -0.18 10.43 -19.22
N PHE A 79 0.55 10.73 -18.16
CA PHE A 79 1.79 11.47 -18.25
C PHE A 79 2.82 10.85 -17.31
N LEU A 80 4.05 10.70 -17.79
CA LEU A 80 5.14 10.14 -17.00
C LEU A 80 5.58 11.22 -16.02
N MET A 81 5.69 10.89 -14.75
CA MET A 81 6.07 11.88 -13.76
C MET A 81 7.16 11.43 -12.80
N ARG A 82 7.71 12.41 -12.10
CA ARG A 82 8.77 12.20 -11.12
C ARG A 82 8.25 12.85 -9.84
N GLY A 83 8.45 12.18 -8.70
CA GLY A 83 7.98 12.72 -7.43
C GLY A 83 8.57 11.98 -6.25
N GLU A 84 8.37 12.53 -5.05
CA GLU A 84 8.89 11.94 -3.81
C GLU A 84 7.95 12.20 -2.64
N GLY A 85 8.26 11.58 -1.51
CA GLY A 85 7.46 11.74 -0.32
C GLY A 85 6.54 10.59 -0.02
N ALA A 86 6.20 10.43 1.25
CA ALA A 86 5.29 9.37 1.67
C ALA A 86 3.89 9.74 1.23
N PRO A 87 3.24 8.83 0.48
CA PRO A 87 1.88 9.14 0.02
C PRO A 87 0.92 9.28 1.19
N ARG A 88 -0.03 10.19 1.03
CA ARG A 88 -1.03 10.40 2.05
C ARG A 88 -2.35 10.00 1.43
N LEU A 89 -2.82 8.79 1.71
CA LEU A 89 -4.07 8.33 1.13
C LEU A 89 -5.26 9.21 1.50
N GLU A 90 -6.06 9.55 0.49
CA GLU A 90 -7.23 10.41 0.67
C GLU A 90 -8.38 9.61 1.28
N GLU A 91 -9.37 10.30 1.83
CA GLU A 91 -10.53 9.65 2.45
C GLU A 91 -11.33 8.73 1.53
N GLY A 92 -10.72 8.35 0.41
CA GLY A 92 -11.33 7.44 -0.55
C GLY A 92 -10.26 6.38 -0.74
N MET A 93 -9.53 6.16 0.35
CA MET A 93 -8.41 5.24 0.46
C MET A 93 -8.63 3.72 0.44
N THR A 94 -7.87 3.09 1.34
CA THR A 94 -7.78 1.65 1.62
C THR A 94 -6.35 1.20 1.33
N GLY A 95 -5.60 2.00 0.57
CA GLY A 95 -4.24 1.64 0.27
C GLY A 95 -3.45 2.59 -0.63
N ALA A 96 -2.15 2.67 -0.40
CA ALA A 96 -1.26 3.53 -1.19
C ALA A 96 0.19 3.24 -0.82
N GLY A 97 1.10 3.58 -1.72
CA GLY A 97 2.51 3.36 -1.46
C GLY A 97 3.33 3.41 -2.73
N TRP A 98 4.65 3.33 -2.59
CA TRP A 98 5.54 3.32 -3.74
C TRP A 98 5.95 1.88 -3.94
N PHE A 99 5.91 1.41 -5.19
CA PHE A 99 6.25 0.03 -5.47
C PHE A 99 7.29 -0.13 -6.57
N SER A 100 8.08 -1.20 -6.46
CA SER A 100 9.08 -1.48 -7.46
C SER A 100 8.33 -2.02 -8.66
N PRO A 101 8.95 -2.00 -9.84
CA PRO A 101 8.30 -2.51 -11.04
C PRO A 101 7.73 -3.91 -10.83
N GLU A 102 8.51 -4.79 -10.21
CA GLU A 102 8.06 -6.16 -9.97
C GLU A 102 6.84 -6.25 -9.05
N GLU A 103 6.82 -5.43 -7.99
CA GLU A 103 5.70 -5.45 -7.07
C GLU A 103 4.47 -4.85 -7.76
N ALA A 104 4.70 -3.82 -8.57
CA ALA A 104 3.61 -3.18 -9.29
C ALA A 104 2.99 -4.17 -10.28
N ARG A 105 3.79 -5.06 -10.85
CA ARG A 105 3.29 -6.05 -11.81
C ARG A 105 2.36 -7.03 -11.14
N ALA A 106 2.53 -7.20 -9.84
CA ALA A 106 1.71 -8.14 -9.07
C ALA A 106 0.51 -7.47 -8.40
N LEU A 107 0.46 -6.14 -8.43
CA LEU A 107 -0.65 -5.44 -7.81
C LEU A 107 -1.65 -4.86 -8.80
N LEU A 108 -1.15 -4.18 -9.84
CA LEU A 108 -2.00 -3.57 -10.86
C LEU A 108 -3.07 -4.55 -11.30
N ALA A 109 -4.32 -4.12 -11.21
CA ALA A 109 -5.44 -4.99 -11.56
C ALA A 109 -5.84 -5.08 -13.04
N PHE A 110 -5.41 -4.13 -13.87
CA PHE A 110 -5.82 -4.13 -15.27
C PHE A 110 -4.73 -4.18 -16.35
N PRO A 111 -5.03 -4.84 -17.47
CA PRO A 111 -4.14 -5.00 -18.63
C PRO A 111 -3.59 -3.67 -19.13
N GLU A 112 -4.49 -2.70 -19.26
CA GLU A 112 -4.13 -1.37 -19.71
C GLU A 112 -3.07 -0.73 -18.81
N ASP A 113 -3.20 -0.96 -17.50
CA ASP A 113 -2.25 -0.38 -16.57
C ASP A 113 -0.92 -1.12 -16.57
N LEU A 114 -0.96 -2.44 -16.70
CA LEU A 114 0.27 -3.21 -16.75
C LEU A 114 1.04 -2.76 -17.98
N GLY A 115 0.32 -2.63 -19.10
CA GLY A 115 0.95 -2.20 -20.34
C GLY A 115 1.54 -0.82 -20.23
N LEU A 116 0.80 0.08 -19.60
CA LEU A 116 1.23 1.45 -19.43
C LEU A 116 2.49 1.50 -18.56
N LEU A 117 2.53 0.65 -17.54
CA LEU A 117 3.69 0.59 -16.65
C LEU A 117 4.98 0.32 -17.40
N GLU A 118 4.98 -0.72 -18.23
CA GLU A 118 6.18 -1.06 -18.98
C GLU A 118 6.62 0.09 -19.88
N VAL A 119 5.70 0.64 -20.66
CA VAL A 119 6.03 1.74 -21.56
C VAL A 119 6.60 2.93 -20.79
N ALA A 120 6.11 3.14 -19.57
CA ALA A 120 6.60 4.26 -18.77
C ALA A 120 8.02 3.97 -18.30
N LEU A 121 8.24 2.74 -17.85
CA LEU A 121 9.56 2.34 -17.37
C LEU A 121 10.61 2.53 -18.46
N GLU A 122 10.25 2.23 -19.71
CA GLU A 122 11.17 2.36 -20.84
C GLU A 122 11.57 3.79 -21.16
N ARG A 123 10.66 4.74 -20.92
CA ARG A 123 10.93 6.14 -21.21
C ARG A 123 11.49 6.90 -20.02
N LEU A 124 11.52 6.26 -18.86
CA LEU A 124 12.04 6.89 -17.65
C LEU A 124 13.57 6.94 -17.66
N PRO A 125 14.16 8.13 -17.83
CA PRO A 125 15.62 8.26 -17.85
C PRO A 125 16.27 7.86 -16.53
N LEU A 126 17.56 7.55 -16.58
CA LEU A 126 18.32 7.13 -15.41
C LEU A 126 19.01 8.31 -14.73
N MET B 1 18.04 -8.32 24.45
CA MET B 1 16.89 -8.56 23.52
C MET B 1 15.73 -7.65 23.87
N GLU B 2 15.03 -7.17 22.84
CA GLU B 2 13.89 -6.29 23.03
C GLU B 2 12.60 -6.95 22.53
N LEU B 3 11.60 -6.99 23.41
CA LEU B 3 10.32 -7.60 23.09
C LEU B 3 9.43 -6.73 22.19
N GLY B 4 8.58 -7.41 21.44
CA GLY B 4 7.67 -6.72 20.56
C GLY B 4 6.36 -7.49 20.51
N ALA B 5 5.29 -6.82 20.14
CA ALA B 5 3.99 -7.45 20.04
C ALA B 5 3.30 -6.82 18.84
N GLY B 6 2.62 -7.64 18.06
CA GLY B 6 1.95 -7.11 16.88
C GLY B 6 0.92 -8.10 16.37
N GLY B 7 0.24 -7.72 15.30
CA GLY B 7 -0.76 -8.61 14.78
C GLY B 7 -0.81 -8.79 13.28
N VAL B 8 -1.22 -9.98 12.88
CA VAL B 8 -1.40 -10.34 11.49
C VAL B 8 -2.92 -10.14 11.43
N VAL B 9 -3.32 -8.96 10.96
CA VAL B 9 -4.73 -8.59 10.90
C VAL B 9 -5.41 -8.87 9.58
N PHE B 10 -6.53 -9.56 9.66
CA PHE B 10 -7.31 -9.93 8.48
C PHE B 10 -8.70 -9.30 8.52
N ASN B 11 -9.21 -8.93 7.35
CA ASN B 11 -10.55 -8.36 7.26
C ASN B 11 -11.52 -9.41 6.72
N ALA B 12 -12.80 -9.07 6.72
CA ALA B 12 -13.85 -9.97 6.24
C ALA B 12 -13.53 -10.65 4.90
N LYS B 13 -12.73 -10.00 4.07
CA LYS B 13 -12.38 -10.55 2.75
C LYS B 13 -11.08 -11.35 2.76
N ARG B 14 -10.65 -11.77 3.93
CA ARG B 14 -9.40 -12.52 4.07
C ARG B 14 -8.19 -11.77 3.50
N GLU B 15 -8.20 -10.45 3.65
CA GLU B 15 -7.08 -9.62 3.19
C GLU B 15 -6.28 -9.25 4.44
N VAL B 16 -4.95 -9.25 4.34
CA VAL B 16 -4.12 -8.95 5.48
C VAL B 16 -3.55 -7.51 5.48
N LEU B 17 -3.47 -6.92 6.66
CA LEU B 17 -2.98 -5.55 6.83
C LEU B 17 -1.45 -5.46 6.85
N LEU B 18 -0.88 -4.76 5.88
CA LEU B 18 0.57 -4.59 5.81
C LEU B 18 0.93 -3.10 5.81
N LEU B 19 2.15 -2.80 6.23
CA LEU B 19 2.64 -1.43 6.26
C LEU B 19 4.04 -1.46 5.72
N ARG B 20 4.49 -0.35 5.16
CA ARG B 20 5.85 -0.29 4.65
C ARG B 20 6.60 0.59 5.64
N ASP B 21 7.64 0.05 6.27
CA ASP B 21 8.39 0.84 7.25
C ASP B 21 9.33 1.86 6.63
N ARG B 22 10.04 2.60 7.47
CA ARG B 22 10.96 3.62 6.98
C ARG B 22 11.96 3.07 5.96
N MET B 23 12.57 1.93 6.27
CA MET B 23 13.54 1.32 5.37
C MET B 23 12.91 0.73 4.10
N GLY B 24 11.61 0.95 3.93
CA GLY B 24 10.94 0.46 2.73
C GLY B 24 10.51 -1.00 2.69
N PHE B 25 10.49 -1.66 3.85
CA PHE B 25 10.07 -3.07 3.91
C PHE B 25 8.61 -3.20 4.30
N TRP B 26 7.88 -4.08 3.60
CA TRP B 26 6.48 -4.34 3.93
C TRP B 26 6.47 -5.39 5.03
N VAL B 27 5.82 -5.04 6.14
CA VAL B 27 5.75 -5.89 7.33
C VAL B 27 4.39 -5.79 8.00
N PHE B 28 4.22 -6.54 9.09
CA PHE B 28 2.98 -6.52 9.85
C PHE B 28 3.16 -5.46 10.93
N PRO B 29 2.06 -4.85 11.39
CA PRO B 29 2.25 -3.85 12.44
C PRO B 29 2.57 -4.45 13.81
N LYS B 30 3.48 -3.79 14.53
CA LYS B 30 3.86 -4.25 15.86
C LYS B 30 4.65 -3.14 16.57
N GLY B 31 4.86 -3.31 17.88
CA GLY B 31 5.59 -2.31 18.65
C GLY B 31 5.99 -2.79 20.03
N HIS B 32 6.58 -1.90 20.81
CA HIS B 32 7.03 -2.22 22.18
C HIS B 32 5.87 -2.22 23.16
N PRO B 33 5.84 -3.21 24.07
CA PRO B 33 4.76 -3.28 25.06
C PRO B 33 5.06 -2.31 26.20
N GLU B 34 4.02 -1.87 26.91
CA GLU B 34 4.21 -0.98 28.03
C GLU B 34 4.32 -1.87 29.28
N PRO B 35 5.06 -1.43 30.31
CA PRO B 35 5.21 -2.22 31.54
C PRO B 35 3.83 -2.53 32.12
N GLY B 36 3.57 -3.79 32.43
CA GLY B 36 2.27 -4.12 33.00
C GLY B 36 1.20 -4.39 31.96
N GLU B 37 1.59 -4.44 30.70
CA GLU B 37 0.65 -4.70 29.61
C GLU B 37 0.86 -6.12 29.13
N SER B 38 -0.21 -6.85 28.83
CA SER B 38 -0.05 -8.21 28.32
C SER B 38 0.39 -8.04 26.86
N LEU B 39 1.03 -9.05 26.28
CA LEU B 39 1.46 -8.93 24.90
C LEU B 39 0.30 -8.78 23.93
N GLU B 40 -0.75 -9.54 24.18
CA GLU B 40 -1.95 -9.51 23.35
C GLU B 40 -2.47 -8.07 23.36
N GLU B 41 -2.68 -7.56 24.57
CA GLU B 41 -3.14 -6.20 24.80
C GLU B 41 -2.24 -5.20 24.06
N ALA B 42 -0.93 -5.38 24.20
CA ALA B 42 0.04 -4.50 23.55
C ALA B 42 -0.12 -4.52 22.03
N ALA B 43 -0.27 -5.71 21.48
CA ALA B 43 -0.43 -5.90 20.04
C ALA B 43 -1.65 -5.15 19.50
N VAL B 44 -2.77 -5.25 20.20
CA VAL B 44 -3.98 -4.57 19.75
C VAL B 44 -3.79 -3.06 19.78
N ARG B 45 -3.13 -2.56 20.81
CA ARG B 45 -2.90 -1.12 20.94
C ARG B 45 -2.01 -0.62 19.82
N GLU B 46 -0.89 -1.32 19.57
CA GLU B 46 0.02 -0.89 18.53
C GLU B 46 -0.67 -0.89 17.17
N VAL B 47 -1.46 -1.92 16.90
CA VAL B 47 -2.17 -1.97 15.64
C VAL B 47 -3.06 -0.71 15.54
N TRP B 48 -3.81 -0.43 16.60
CA TRP B 48 -4.69 0.73 16.66
C TRP B 48 -3.92 2.05 16.57
N GLU B 49 -2.75 2.10 17.19
CA GLU B 49 -1.92 3.30 17.19
C GLU B 49 -1.30 3.61 15.84
N GLN B 50 -0.81 2.59 15.16
CA GLN B 50 -0.15 2.76 13.88
C GLN B 50 -1.02 2.84 12.64
N THR B 51 -2.20 2.24 12.69
CA THR B 51 -3.07 2.24 11.52
C THR B 51 -4.51 2.66 11.79
N GLY B 52 -4.80 3.02 13.03
CA GLY B 52 -6.16 3.43 13.38
C GLY B 52 -7.17 2.31 13.24
N VAL B 53 -6.71 1.10 12.92
CA VAL B 53 -7.59 -0.05 12.79
C VAL B 53 -7.94 -0.67 14.14
N ARG B 54 -9.23 -0.91 14.35
CA ARG B 54 -9.72 -1.52 15.59
C ARG B 54 -9.81 -3.02 15.33
N ALA B 55 -8.90 -3.77 15.92
CA ALA B 55 -8.89 -5.22 15.71
C ALA B 55 -9.14 -6.02 16.97
N GLU B 56 -9.53 -7.28 16.77
CA GLU B 56 -9.81 -8.20 17.86
C GLU B 56 -8.95 -9.44 17.70
N VAL B 57 -8.38 -9.90 18.81
CA VAL B 57 -7.54 -11.09 18.82
C VAL B 57 -8.36 -12.36 18.67
N LEU B 58 -8.05 -13.16 17.65
CA LEU B 58 -8.74 -14.42 17.42
C LEU B 58 -8.01 -15.54 18.15
N LEU B 59 -6.69 -15.51 18.11
CA LEU B 59 -5.86 -16.51 18.76
C LEU B 59 -4.39 -16.17 18.56
N PRO B 60 -3.51 -16.69 19.42
CA PRO B 60 -2.08 -16.41 19.29
C PRO B 60 -1.41 -17.24 18.21
N LEU B 61 -0.33 -16.70 17.65
CA LEU B 61 0.46 -17.40 16.64
C LEU B 61 1.73 -17.86 17.35
N TYR B 62 2.83 -17.15 17.14
CA TYR B 62 4.09 -17.47 17.80
C TYR B 62 5.04 -16.31 17.62
N PRO B 63 6.15 -16.30 18.36
CA PRO B 63 7.06 -15.17 18.17
C PRO B 63 8.07 -15.44 17.06
N THR B 64 8.62 -14.37 16.50
CA THR B 64 9.66 -14.49 15.48
C THR B 64 10.85 -13.72 16.04
N ARG B 65 12.05 -14.05 15.57
CA ARG B 65 13.24 -13.39 16.05
C ARG B 65 14.13 -12.96 14.90
N TYR B 66 14.79 -11.83 15.07
CA TYR B 66 15.70 -11.29 14.08
C TYR B 66 16.52 -10.21 14.75
N VAL B 67 17.62 -9.81 14.11
CA VAL B 67 18.45 -8.75 14.64
C VAL B 67 18.28 -7.60 13.67
N ASN B 68 17.91 -6.42 14.15
CA ASN B 68 17.73 -5.30 13.24
C ASN B 68 19.08 -4.72 12.80
N PRO B 69 19.06 -3.75 11.87
CA PRO B 69 20.28 -3.13 11.37
C PRO B 69 21.22 -2.65 12.48
N LYS B 70 20.63 -2.11 13.54
CA LYS B 70 21.37 -1.58 14.68
C LYS B 70 21.89 -2.62 15.66
N GLY B 71 21.92 -3.88 15.23
CA GLY B 71 22.41 -4.96 16.08
C GLY B 71 21.53 -5.43 17.22
N VAL B 72 20.41 -4.75 17.46
CA VAL B 72 19.51 -5.15 18.53
C VAL B 72 18.65 -6.35 18.13
N GLU B 73 18.72 -7.42 18.91
CA GLU B 73 17.94 -8.62 18.64
C GLU B 73 16.49 -8.39 19.09
N ARG B 74 15.54 -8.74 18.23
CA ARG B 74 14.14 -8.55 18.58
C ARG B 74 13.37 -9.86 18.64
N GLU B 75 12.44 -9.97 19.58
CA GLU B 75 11.58 -11.14 19.68
C GLU B 75 10.18 -10.54 19.63
N VAL B 76 9.45 -10.83 18.55
CA VAL B 76 8.12 -10.29 18.38
C VAL B 76 7.06 -11.37 18.50
N HIS B 77 6.11 -11.15 19.41
CA HIS B 77 5.02 -12.09 19.64
C HIS B 77 3.85 -11.64 18.80
N TRP B 78 3.37 -12.56 17.97
CA TRP B 78 2.28 -12.26 17.06
C TRP B 78 0.94 -12.87 17.44
N PHE B 79 -0.11 -12.19 17.01
CA PHE B 79 -1.47 -12.63 17.28
C PHE B 79 -2.32 -12.51 16.03
N LEU B 80 -3.10 -13.55 15.76
CA LEU B 80 -3.99 -13.56 14.61
C LEU B 80 -5.16 -12.66 14.96
N MET B 81 -5.38 -11.62 14.15
CA MET B 81 -6.45 -10.66 14.44
C MET B 81 -7.43 -10.44 13.30
N ARG B 82 -8.55 -9.84 13.67
CA ARG B 82 -9.62 -9.51 12.73
C ARG B 82 -9.86 -8.01 12.86
N GLY B 83 -9.95 -7.33 11.73
CA GLY B 83 -10.18 -5.89 11.76
C GLY B 83 -10.81 -5.38 10.48
N GLU B 84 -11.15 -4.10 10.45
CA GLU B 84 -11.76 -3.50 9.28
C GLU B 84 -11.40 -2.03 9.13
N GLY B 85 -11.65 -1.49 7.93
CA GLY B 85 -11.37 -0.08 7.68
C GLY B 85 -10.06 0.23 6.99
N ALA B 86 -10.02 1.41 6.38
CA ALA B 86 -8.84 1.87 5.66
C ALA B 86 -7.81 2.38 6.65
N PRO B 87 -6.54 2.00 6.46
CA PRO B 87 -5.44 2.40 7.33
C PRO B 87 -5.05 3.88 7.28
N ARG B 88 -4.43 4.35 8.37
CA ARG B 88 -3.97 5.72 8.47
C ARG B 88 -2.49 5.73 8.82
N LEU B 89 -1.65 5.85 7.80
CA LEU B 89 -0.21 5.86 7.99
C LEU B 89 0.24 6.84 9.07
N GLU B 90 1.46 6.66 9.56
CA GLU B 90 2.05 7.52 10.57
C GLU B 90 3.40 7.93 10.01
N GLU B 91 3.71 9.23 10.08
CA GLU B 91 4.96 9.75 9.56
C GLU B 91 6.10 8.73 9.61
N GLY B 92 6.88 8.65 8.53
CA GLY B 92 7.98 7.71 8.47
C GLY B 92 7.59 6.51 7.61
N MET B 93 6.33 6.10 7.70
CA MET B 93 5.82 4.97 6.93
C MET B 93 5.56 5.41 5.48
N THR B 94 6.03 4.59 4.54
CA THR B 94 5.87 4.88 3.13
C THR B 94 4.80 4.05 2.41
N GLY B 95 3.79 3.61 3.16
CA GLY B 95 2.74 2.82 2.54
C GLY B 95 1.94 1.92 3.47
N ALA B 96 0.70 1.64 3.07
CA ALA B 96 -0.18 0.78 3.85
C ALA B 96 -1.33 0.26 3.00
N GLY B 97 -1.98 -0.81 3.43
CA GLY B 97 -3.09 -1.35 2.68
C GLY B 97 -3.46 -2.76 3.09
N TRP B 98 -4.60 -3.25 2.59
CA TRP B 98 -5.04 -4.62 2.87
C TRP B 98 -4.64 -5.40 1.62
N PHE B 99 -4.16 -6.63 1.80
CA PHE B 99 -3.71 -7.41 0.66
C PHE B 99 -4.14 -8.87 0.64
N SER B 100 -4.34 -9.41 -0.56
CA SER B 100 -4.71 -10.81 -0.71
C SER B 100 -3.45 -11.59 -0.38
N PRO B 101 -3.59 -12.87 0.01
CA PRO B 101 -2.42 -13.66 0.34
C PRO B 101 -1.36 -13.62 -0.75
N GLU B 102 -1.80 -13.72 -2.00
CA GLU B 102 -0.89 -13.68 -3.12
C GLU B 102 -0.13 -12.37 -3.22
N GLU B 103 -0.84 -11.25 -3.12
CA GLU B 103 -0.20 -9.95 -3.20
C GLU B 103 0.79 -9.83 -2.03
N ALA B 104 0.37 -10.28 -0.85
CA ALA B 104 1.22 -10.21 0.33
C ALA B 104 2.51 -10.98 0.12
N ARG B 105 2.41 -12.16 -0.49
CA ARG B 105 3.62 -12.97 -0.74
C ARG B 105 4.56 -12.26 -1.71
N ALA B 106 4.05 -11.25 -2.41
CA ALA B 106 4.87 -10.51 -3.38
C ALA B 106 5.51 -9.31 -2.71
N LEU B 107 4.92 -8.86 -1.61
CA LEU B 107 5.45 -7.71 -0.89
C LEU B 107 6.31 -8.03 0.33
N LEU B 108 5.91 -9.01 1.13
CA LEU B 108 6.68 -9.36 2.33
C LEU B 108 8.14 -9.69 2.00
N ALA B 109 9.05 -8.96 2.63
CA ALA B 109 10.47 -9.13 2.37
C ALA B 109 11.22 -10.17 3.22
N PHE B 110 10.63 -10.63 4.31
CA PHE B 110 11.34 -11.56 5.17
C PHE B 110 10.71 -12.94 5.37
N PRO B 111 11.55 -13.99 5.44
CA PRO B 111 11.10 -15.37 5.63
C PRO B 111 10.17 -15.53 6.83
N GLU B 112 10.55 -14.91 7.96
CA GLU B 112 9.73 -15.03 9.17
C GLU B 112 8.31 -14.54 8.97
N ASP B 113 8.14 -13.50 8.18
CA ASP B 113 6.81 -12.97 7.94
C ASP B 113 6.04 -13.82 6.93
N LEU B 114 6.73 -14.33 5.90
CA LEU B 114 6.06 -15.18 4.93
C LEU B 114 5.53 -16.41 5.67
N GLY B 115 6.32 -16.97 6.57
CA GLY B 115 5.88 -18.14 7.31
C GLY B 115 4.67 -17.80 8.17
N LEU B 116 4.77 -16.68 8.87
CA LEU B 116 3.71 -16.18 9.74
C LEU B 116 2.41 -16.11 8.92
N LEU B 117 2.52 -15.59 7.70
CA LEU B 117 1.37 -15.45 6.81
C LEU B 117 0.70 -16.78 6.48
N GLU B 118 1.47 -17.79 6.07
CA GLU B 118 0.83 -19.05 5.74
C GLU B 118 0.22 -19.77 6.93
N VAL B 119 0.81 -19.62 8.11
CA VAL B 119 0.25 -20.27 9.29
C VAL B 119 -1.04 -19.55 9.68
N ALA B 120 -1.04 -18.22 9.59
CA ALA B 120 -2.24 -17.46 9.93
C ALA B 120 -3.38 -17.90 9.01
N LEU B 121 -3.07 -18.05 7.72
CA LEU B 121 -4.06 -18.47 6.75
C LEU B 121 -4.66 -19.83 7.10
N GLU B 122 -3.85 -20.75 7.60
CA GLU B 122 -4.34 -22.08 7.94
C GLU B 122 -5.25 -22.00 9.16
N ARG B 123 -5.04 -21.00 9.99
CA ARG B 123 -5.84 -20.86 11.20
C ARG B 123 -6.94 -19.82 11.15
N LEU B 124 -7.01 -19.08 10.04
CA LEU B 124 -8.02 -18.03 9.92
C LEU B 124 -9.40 -18.61 9.68
N PRO B 125 -10.28 -18.54 10.70
CA PRO B 125 -11.64 -19.06 10.62
C PRO B 125 -12.47 -18.35 9.54
N LEU B 126 -13.37 -19.08 8.92
CA LEU B 126 -14.22 -18.51 7.88
C LEU B 126 -15.31 -17.64 8.51
#